data_7SYB
#
_entry.id   7SYB
#
_cell.length_a   32.500
_cell.length_b   46.840
_cell.length_c   39.480
_cell.angle_alpha   90.000
_cell.angle_beta   108.020
_cell.angle_gamma   90.000
#
_symmetry.space_group_name_H-M   'P 1 21 1'
#
loop_
_entity.id
_entity.type
_entity.pdbx_description
1 polymer Sulfurtransferase
2 water water
#
_entity_poly.entity_id   1
_entity_poly.type   'polypeptide(L)'
_entity_poly.pdbx_seq_one_letter_code
;MAHHHHHHMNLELDQDGHLVDYTIWNPEVAQELAKSLDLELTDWHFEVLAAVRQFYQQFGHSPATRPLIKFLMKTVSPDI
NNAVLQQKFNTGLVARHLSRLAGIPKPANCL
;
_entity_poly.pdbx_strand_id   A
#
# COMPACT_ATOMS: atom_id res chain seq x y z
N MET A 9 18.98 -4.74 2.94
CA MET A 9 17.81 -5.60 3.14
C MET A 9 17.56 -6.39 1.86
N ASN A 10 17.38 -7.70 1.98
CA ASN A 10 17.22 -8.59 0.81
CA ASN A 10 17.22 -8.58 0.81
C ASN A 10 15.81 -9.18 0.85
N LEU A 11 14.85 -8.45 0.30
CA LEU A 11 13.47 -8.91 0.32
C LEU A 11 13.23 -9.93 -0.79
N GLU A 12 12.38 -10.92 -0.49
CA GLU A 12 11.94 -11.90 -1.48
C GLU A 12 10.71 -11.34 -2.18
N LEU A 13 10.86 -10.96 -3.45
CA LEU A 13 9.82 -10.26 -4.19
C LEU A 13 9.39 -11.10 -5.37
N ASP A 14 8.13 -10.88 -5.80
CA ASP A 14 7.56 -11.53 -6.97
C ASP A 14 7.90 -10.72 -8.23
N GLN A 15 7.36 -11.16 -9.37
CA GLN A 15 7.66 -10.54 -10.66
CA GLN A 15 7.71 -10.52 -10.64
C GLN A 15 7.23 -9.08 -10.72
N ASP A 16 6.28 -8.67 -9.87
CA ASP A 16 5.78 -7.31 -9.82
C ASP A 16 6.54 -6.44 -8.83
N GLY A 17 7.49 -7.00 -8.07
CA GLY A 17 8.14 -6.23 -7.02
C GLY A 17 7.40 -6.25 -5.70
N HIS A 18 6.38 -7.09 -5.55
CA HIS A 18 5.62 -7.18 -4.30
C HIS A 18 6.18 -8.32 -3.45
N LEU A 19 5.98 -8.24 -2.12
CA LEU A 19 6.44 -9.33 -1.26
C LEU A 19 5.84 -10.66 -1.68
N VAL A 20 6.69 -11.70 -1.70
CA VAL A 20 6.16 -13.05 -1.89
C VAL A 20 5.31 -13.46 -0.70
N ASP A 21 5.72 -13.08 0.51
CA ASP A 21 5.07 -13.51 1.76
C ASP A 21 4.65 -12.26 2.54
N TYR A 22 3.35 -11.96 2.53
CA TYR A 22 2.87 -10.74 3.18
C TYR A 22 3.06 -10.78 4.69
N THR A 23 3.30 -11.96 5.27
CA THR A 23 3.39 -12.05 6.72
C THR A 23 4.73 -11.58 7.27
N ILE A 24 5.75 -11.41 6.43
CA ILE A 24 7.02 -10.92 6.93
C ILE A 24 7.11 -9.41 6.87
N TRP A 25 6.04 -8.73 6.46
CA TRP A 25 6.05 -7.28 6.41
C TRP A 25 6.17 -6.70 7.80
N ASN A 26 6.81 -5.52 7.88
CA ASN A 26 6.85 -4.69 9.07
C ASN A 26 7.15 -3.27 8.59
N PRO A 27 7.17 -2.28 9.48
CA PRO A 27 7.44 -0.92 9.03
C PRO A 27 8.79 -0.72 8.37
N GLU A 28 9.83 -1.46 8.78
CA GLU A 28 11.12 -1.30 8.10
CA GLU A 28 11.13 -1.35 8.10
C GLU A 28 11.06 -1.85 6.68
N VAL A 29 10.34 -2.96 6.47
CA VAL A 29 10.17 -3.49 5.13
C VAL A 29 9.38 -2.51 4.27
N ALA A 30 8.32 -1.92 4.85
CA ALA A 30 7.56 -0.91 4.12
C ALA A 30 8.46 0.23 3.66
N GLN A 31 9.34 0.71 4.53
CA GLN A 31 10.23 1.81 4.15
C GLN A 31 11.20 1.37 3.07
N GLU A 32 11.69 0.13 3.15
CA GLU A 32 12.57 -0.37 2.10
C GLU A 32 11.87 -0.31 0.76
N LEU A 33 10.62 -0.76 0.69
CA LEU A 33 9.89 -0.73 -0.58
C LEU A 33 9.61 0.70 -1.02
N ALA A 34 9.39 1.60 -0.04
CA ALA A 34 9.08 3.01 -0.37
C ALA A 34 10.28 3.76 -0.94
N LYS A 35 11.51 3.22 -0.80
CA LYS A 35 12.69 3.90 -1.33
C LYS A 35 12.58 4.12 -2.84
N SER A 36 11.91 3.22 -3.56
CA SER A 36 11.81 3.40 -5.01
C SER A 36 10.94 4.59 -5.40
N LEU A 37 10.21 5.16 -4.43
CA LEU A 37 9.39 6.36 -4.63
C LEU A 37 10.06 7.58 -4.02
N ASP A 38 11.30 7.46 -3.53
CA ASP A 38 11.98 8.53 -2.79
C ASP A 38 11.06 9.07 -1.70
N LEU A 39 10.44 8.14 -0.98
CA LEU A 39 9.39 8.47 -0.03
C LEU A 39 9.83 8.05 1.36
N GLU A 40 9.91 9.01 2.29
CA GLU A 40 10.13 8.70 3.71
CA GLU A 40 10.11 8.70 3.71
C GLU A 40 8.76 8.53 4.37
N LEU A 41 8.47 7.32 4.86
CA LEU A 41 7.17 7.07 5.47
C LEU A 41 7.07 7.75 6.83
N THR A 42 5.88 8.27 7.13
CA THR A 42 5.55 8.81 8.44
C THR A 42 4.37 8.03 9.01
N ASP A 43 3.98 8.39 10.22
CA ASP A 43 2.84 7.69 10.82
C ASP A 43 1.58 7.85 9.98
N TRP A 44 1.47 8.94 9.21
CA TRP A 44 0.34 9.09 8.29
C TRP A 44 0.30 7.91 7.33
N HIS A 45 1.44 7.61 6.71
CA HIS A 45 1.49 6.48 5.79
C HIS A 45 1.27 5.16 6.52
N PHE A 46 1.86 4.99 7.71
CA PHE A 46 1.70 3.72 8.42
C PHE A 46 0.25 3.44 8.75
N GLU A 47 -0.54 4.46 9.07
CA GLU A 47 -1.94 4.22 9.36
C GLU A 47 -2.71 3.82 8.09
N VAL A 48 -2.39 4.46 6.97
CA VAL A 48 -3.00 4.08 5.70
C VAL A 48 -2.62 2.65 5.32
N LEU A 49 -1.33 2.31 5.45
CA LEU A 49 -0.89 0.97 5.09
C LEU A 49 -1.52 -0.08 6.01
N ALA A 50 -1.75 0.26 7.29
CA ALA A 50 -2.43 -0.68 8.17
C ALA A 50 -3.84 -0.97 7.65
N ALA A 51 -4.51 0.04 7.10
CA ALA A 51 -5.85 -0.22 6.57
C ALA A 51 -5.80 -1.08 5.32
N VAL A 52 -4.78 -0.88 4.47
CA VAL A 52 -4.63 -1.72 3.28
C VAL A 52 -4.44 -3.17 3.68
N ARG A 53 -3.60 -3.40 4.70
CA ARG A 53 -3.42 -4.77 5.20
C ARG A 53 -4.69 -5.32 5.81
N GLN A 54 -5.47 -4.47 6.48
CA GLN A 54 -6.76 -4.94 7.01
CA GLN A 54 -6.76 -4.93 7.02
C GLN A 54 -7.70 -5.38 5.90
N PHE A 55 -7.74 -4.64 4.79
CA PHE A 55 -8.54 -5.07 3.64
C PHE A 55 -8.11 -6.45 3.19
N TYR A 56 -6.80 -6.65 3.01
CA TYR A 56 -6.29 -7.93 2.56
C TYR A 56 -6.64 -9.06 3.52
N GLN A 57 -6.52 -8.80 4.83
N GLN A 57 -6.50 -8.80 4.83
CA GLN A 57 -6.83 -9.84 5.81
CA GLN A 57 -6.82 -9.79 5.86
C GLN A 57 -8.32 -10.16 5.81
C GLN A 57 -8.30 -10.14 5.82
N GLN A 58 -9.16 -9.14 5.63
CA GLN A 58 -10.61 -9.38 5.67
C GLN A 58 -11.09 -10.10 4.42
N PHE A 59 -10.57 -9.74 3.24
CA PHE A 59 -11.19 -10.17 1.99
C PHE A 59 -10.29 -11.06 1.14
N GLY A 60 -8.99 -11.17 1.45
CA GLY A 60 -8.12 -12.13 0.80
C GLY A 60 -7.55 -11.72 -0.52
N HIS A 61 -7.73 -10.46 -0.94
CA HIS A 61 -7.10 -10.00 -2.17
C HIS A 61 -6.80 -8.52 -2.01
N SER A 62 -5.94 -8.02 -2.89
CA SER A 62 -5.56 -6.61 -2.82
C SER A 62 -6.65 -5.74 -3.43
N PRO A 63 -6.90 -4.55 -2.88
CA PRO A 63 -8.00 -3.72 -3.38
C PRO A 63 -7.64 -2.98 -4.67
N ALA A 64 -8.64 -2.87 -5.55
CA ALA A 64 -8.51 -2.07 -6.75
C ALA A 64 -8.69 -0.59 -6.41
N THR A 65 -8.47 0.29 -7.41
CA THR A 65 -8.39 1.73 -7.17
C THR A 65 -9.61 2.27 -6.43
N ARG A 66 -10.80 2.10 -7.01
CA ARG A 66 -11.95 2.73 -6.41
C ARG A 66 -12.33 2.10 -5.06
N PRO A 67 -12.34 0.76 -4.95
CA PRO A 67 -12.60 0.15 -3.64
C PRO A 67 -11.57 0.52 -2.59
N LEU A 68 -10.31 0.69 -2.99
CA LEU A 68 -9.29 1.11 -2.02
C LEU A 68 -9.63 2.47 -1.44
N ILE A 69 -9.96 3.44 -2.32
CA ILE A 69 -10.28 4.79 -1.82
C ILE A 69 -11.50 4.77 -0.92
N LYS A 70 -12.56 4.07 -1.35
CA LYS A 70 -13.75 3.99 -0.53
CA LYS A 70 -13.76 3.97 -0.53
C LYS A 70 -13.47 3.33 0.82
N PHE A 71 -12.63 2.29 0.84
CA PHE A 71 -12.33 1.62 2.10
C PHE A 71 -11.53 2.53 3.03
N LEU A 72 -10.60 3.30 2.48
CA LEU A 72 -9.84 4.24 3.31
C LEU A 72 -10.73 5.33 3.85
N MET A 73 -11.67 5.81 3.03
CA MET A 73 -12.62 6.83 3.50
CA MET A 73 -12.61 6.83 3.51
C MET A 73 -13.44 6.31 4.68
N LYS A 74 -13.85 5.04 4.62
CA LYS A 74 -14.65 4.42 5.67
C LYS A 74 -13.84 4.09 6.92
N THR A 75 -12.60 3.65 6.73
CA THR A 75 -11.76 3.07 7.79
C THR A 75 -10.77 4.05 8.40
N VAL A 76 -10.35 5.06 7.64
CA VAL A 76 -9.29 5.95 8.10
C VAL A 76 -9.82 7.36 8.25
N SER A 77 -10.29 7.95 7.16
CA SER A 77 -10.76 9.32 7.21
C SER A 77 -11.51 9.64 5.92
N PRO A 78 -12.67 10.31 6.00
CA PRO A 78 -13.36 10.76 4.79
C PRO A 78 -12.56 11.76 3.97
N ASP A 79 -11.50 12.34 4.55
CA ASP A 79 -10.70 13.32 3.83
C ASP A 79 -9.67 12.69 2.90
N ILE A 80 -9.47 11.38 2.96
CA ILE A 80 -8.57 10.71 2.05
C ILE A 80 -9.27 10.60 0.70
N ASN A 81 -8.52 10.91 -0.35
CA ASN A 81 -9.02 10.75 -1.71
C ASN A 81 -7.81 10.47 -2.59
N ASN A 82 -8.07 10.26 -3.88
CA ASN A 82 -6.99 9.92 -4.79
C ASN A 82 -5.91 11.00 -4.82
N ALA A 83 -6.31 12.28 -4.85
CA ALA A 83 -5.32 13.34 -4.93
C ALA A 83 -4.42 13.37 -3.71
N VAL A 84 -5.00 13.19 -2.52
CA VAL A 84 -4.21 13.16 -1.29
C VAL A 84 -3.26 11.99 -1.31
N LEU A 85 -3.73 10.83 -1.75
CA LEU A 85 -2.86 9.65 -1.78
C LEU A 85 -1.73 9.86 -2.78
N GLN A 86 -2.03 10.43 -3.95
CA GLN A 86 -0.98 10.69 -4.94
CA GLN A 86 -0.98 10.69 -4.94
C GLN A 86 0.07 11.63 -4.38
N GLN A 87 -0.36 12.68 -3.66
CA GLN A 87 0.59 13.63 -3.08
CA GLN A 87 0.60 13.63 -3.10
C GLN A 87 1.45 12.96 -2.01
N LYS A 88 0.79 12.21 -1.11
CA LYS A 88 1.50 11.67 0.04
C LYS A 88 2.40 10.50 -0.34
N PHE A 89 2.05 9.76 -1.39
CA PHE A 89 2.81 8.59 -1.77
C PHE A 89 3.70 8.79 -2.99
N ASN A 90 3.78 10.01 -3.52
CA ASN A 90 4.71 10.34 -4.61
C ASN A 90 4.43 9.52 -5.88
N THR A 91 3.16 9.25 -6.17
CA THR A 91 2.87 8.43 -7.35
C THR A 91 1.42 8.60 -7.74
N GLY A 92 1.16 8.55 -9.06
CA GLY A 92 -0.23 8.39 -9.52
C GLY A 92 -0.72 6.95 -9.54
N LEU A 93 0.16 5.98 -9.32
CA LEU A 93 -0.22 4.56 -9.35
C LEU A 93 -0.62 4.10 -7.94
N VAL A 94 -1.75 4.63 -7.50
CA VAL A 94 -2.15 4.51 -6.10
C VAL A 94 -2.45 3.06 -5.71
N ALA A 95 -3.28 2.36 -6.51
CA ALA A 95 -3.62 0.99 -6.13
C ALA A 95 -2.37 0.12 -6.09
N ARG A 96 -1.52 0.24 -7.10
CA ARG A 96 -0.31 -0.55 -7.16
C ARG A 96 0.58 -0.30 -5.95
N HIS A 97 0.94 0.96 -5.70
CA HIS A 97 1.96 1.22 -4.70
C HIS A 97 1.44 1.14 -3.27
N LEU A 98 0.16 1.43 -3.02
CA LEU A 98 -0.37 1.20 -1.68
C LEU A 98 -0.32 -0.28 -1.33
N SER A 99 -0.70 -1.14 -2.28
CA SER A 99 -0.56 -2.58 -2.04
C SER A 99 0.90 -2.97 -1.86
N ARG A 100 1.77 -2.45 -2.73
CA ARG A 100 3.17 -2.85 -2.66
C ARG A 100 3.78 -2.49 -1.31
N LEU A 101 3.59 -1.24 -0.88
CA LEU A 101 4.21 -0.78 0.36
C LEU A 101 3.57 -1.43 1.59
N ALA A 102 2.33 -1.89 1.47
CA ALA A 102 1.64 -2.63 2.52
C ALA A 102 2.05 -4.09 2.57
N GLY A 103 2.89 -4.54 1.63
CA GLY A 103 3.37 -5.90 1.67
C GLY A 103 2.42 -6.92 1.07
N ILE A 104 1.41 -6.51 0.31
CA ILE A 104 0.42 -7.43 -0.26
C ILE A 104 0.61 -7.49 -1.78
N PRO A 105 -0.03 -8.41 -2.50
CA PRO A 105 0.28 -8.58 -3.92
C PRO A 105 -0.27 -7.44 -4.78
N LYS A 106 0.20 -7.39 -6.02
CA LYS A 106 -0.32 -6.38 -6.96
C LYS A 106 -1.80 -6.61 -7.23
N PRO A 107 -2.64 -5.57 -7.20
CA PRO A 107 -4.04 -5.74 -7.63
C PRO A 107 -4.12 -6.31 -9.04
N ALA A 108 -5.12 -7.17 -9.24
CA ALA A 108 -5.11 -8.08 -10.39
C ALA A 108 -5.00 -7.36 -11.73
N ASN A 109 -5.66 -6.21 -11.89
CA ASN A 109 -5.73 -5.62 -13.22
C ASN A 109 -4.63 -4.60 -13.49
N CYS A 110 -3.78 -4.31 -12.51
CA CYS A 110 -2.65 -3.42 -12.77
C CYS A 110 -1.77 -4.05 -13.84
N LEU A 111 -1.10 -3.18 -14.61
CA LEU A 111 -0.29 -3.63 -15.73
C LEU A 111 0.72 -4.69 -15.28
#